data_7VPT
#
_entry.id   7VPT
#
_cell.length_a   119.025
_cell.length_b   119.025
_cell.length_c   74.511
_cell.angle_alpha   90.000
_cell.angle_beta   90.000
_cell.angle_gamma   120.000
#
_symmetry.space_group_name_H-M   'P 63'
#
loop_
_entity.id
_entity.type
_entity.pdbx_description
1 polymer 'C. glabrata importin alpha ARM domain - Upc2 NLS fusion'
2 water water
#
_entity_poly.entity_id   1
_entity_poly.type   'polypeptide(L)'
_entity_poly.pdbx_seq_one_letter_code
;GSAMGSSAADQQFYGQLQQELPQMVQQINSSDMQEQLAATVKFRQILSREHNPPIDIVIQSGVVPTLVNFMNENQPEMLQ
LEAAWALTNIASGTSAQTQVVVDAGAVPLFIQLLYTGSVELQEQAIWALGNVAGDSTSYRDYVLQCSAMEPILSLFNSEK
VTLIRTATWTLSNLCRGKKPQPDWSIVSKALPTLAKLIYSFDNETLIDACWAISYLSDGPAEAIQAVIDARIPKRLVELL
SHQSTLVQTPALRAVGNIVTGNDLHTQVVINCGVLSALRNLLSSPKESIRKEACWTISNITAGNTEQIQAVVDANLIPPL
IKLLETAEYKIKKEACWAISNASSGGLQRPEIIRYMVSQGCIKPLCDLLEIADNRIIEVTLDALENILKMGETDKEARGL
AINENADLIEKAGGMEKIFNCQQNENDRIYEKAYKIIETYFGEELVPRGSEVNGKRVSKTSTGKRKFHKKSKTG
;
_entity_poly.pdbx_strand_id   A
#
# COMPACT_ATOMS: atom_id res chain seq x y z
N SER A 6 2.38 13.96 -32.95
CA SER A 6 1.38 15.01 -32.80
C SER A 6 0.57 15.20 -34.07
N SER A 7 -0.74 15.08 -33.91
CA SER A 7 -1.72 15.14 -34.98
C SER A 7 -1.60 16.45 -35.74
N ALA A 8 -2.23 16.48 -36.91
CA ALA A 8 -2.40 17.74 -37.62
C ALA A 8 -3.27 18.72 -36.83
N ALA A 9 -4.27 18.21 -36.10
CA ALA A 9 -5.12 19.10 -35.31
C ALA A 9 -4.33 19.79 -34.21
N ASP A 10 -3.43 19.07 -33.54
CA ASP A 10 -2.64 19.67 -32.47
C ASP A 10 -1.78 20.81 -33.00
N GLN A 11 -1.06 20.54 -34.09
CA GLN A 11 -0.23 21.57 -34.68
C GLN A 11 -1.07 22.77 -35.12
N GLN A 12 -2.16 22.52 -35.85
CA GLN A 12 -2.96 23.68 -36.28
C GLN A 12 -3.62 24.37 -35.10
N PHE A 13 -3.95 23.66 -34.01
CA PHE A 13 -4.46 24.32 -32.81
C PHE A 13 -3.44 25.31 -32.25
N TYR A 14 -2.18 24.88 -32.10
CA TYR A 14 -1.17 25.74 -31.51
C TYR A 14 -0.85 26.90 -32.43
N GLY A 15 -0.95 26.68 -33.74
CA GLY A 15 -0.86 27.81 -34.65
C GLY A 15 -1.98 28.81 -34.44
N GLN A 16 -3.20 28.32 -34.31
CA GLN A 16 -4.35 29.19 -34.06
C GLN A 16 -4.17 29.98 -32.77
N LEU A 17 -3.84 29.29 -31.67
CA LEU A 17 -3.82 29.94 -30.37
C LEU A 17 -2.82 31.08 -30.30
N GLN A 18 -1.60 30.85 -30.80
CA GLN A 18 -0.58 31.89 -30.79
C GLN A 18 -1.05 33.13 -31.55
N GLN A 19 -1.79 32.93 -32.64
CA GLN A 19 -2.23 34.07 -33.42
C GLN A 19 -3.42 34.77 -32.79
N GLU A 20 -4.27 34.02 -32.08
CA GLU A 20 -5.49 34.56 -31.52
C GLU A 20 -5.43 34.77 -30.01
N LEU A 21 -4.30 34.48 -29.37
CA LEU A 21 -4.17 34.78 -27.95
C LEU A 21 -4.15 36.27 -27.62
N PRO A 22 -3.53 37.14 -28.45
CA PRO A 22 -3.48 38.56 -28.05
C PRO A 22 -4.84 39.21 -27.87
N GLN A 23 -5.85 38.83 -28.67
CA GLN A 23 -7.17 39.43 -28.50
C GLN A 23 -7.88 38.87 -27.28
N MET A 24 -7.76 37.55 -27.06
CA MET A 24 -8.27 36.93 -25.84
C MET A 24 -7.78 37.68 -24.60
N VAL A 25 -6.47 37.98 -24.58
CA VAL A 25 -5.91 38.74 -23.46
C VAL A 25 -6.53 40.14 -23.40
N GLN A 26 -6.78 40.77 -24.55
CA GLN A 26 -7.42 42.08 -24.51
C GLN A 26 -8.90 41.95 -24.17
N GLN A 27 -9.53 40.87 -24.61
CA GLN A 27 -10.95 40.68 -24.31
C GLN A 27 -11.20 40.40 -22.84
N ILE A 28 -10.29 39.67 -22.19
CA ILE A 28 -10.49 39.38 -20.77
C ILE A 28 -10.22 40.61 -19.92
N ASN A 29 -9.50 41.60 -20.47
CA ASN A 29 -9.24 42.85 -19.77
C ASN A 29 -10.28 43.93 -20.04
N SER A 30 -11.32 43.62 -20.79
CA SER A 30 -12.27 44.70 -21.07
C SER A 30 -13.06 45.08 -19.83
N SER A 31 -13.59 46.29 -19.88
CA SER A 31 -14.49 46.73 -18.83
C SER A 31 -15.86 46.08 -18.94
N ASP A 32 -16.28 45.72 -20.16
CA ASP A 32 -17.58 45.08 -20.34
C ASP A 32 -17.56 43.67 -19.74
N MET A 33 -18.49 43.43 -18.81
CA MET A 33 -18.55 42.16 -18.07
C MET A 33 -18.79 40.98 -18.99
N GLN A 34 -19.54 41.18 -20.08
CA GLN A 34 -19.74 40.10 -21.03
C GLN A 34 -18.42 39.73 -21.70
N GLU A 35 -17.68 40.74 -22.15
CA GLU A 35 -16.35 40.50 -22.72
C GLU A 35 -15.48 39.66 -21.78
N GLN A 36 -15.40 40.06 -20.51
CA GLN A 36 -14.71 39.26 -19.52
C GLN A 36 -15.16 37.80 -19.58
N LEU A 37 -16.47 37.60 -19.68
CA LEU A 37 -17.03 36.26 -19.54
C LEU A 37 -16.78 35.42 -20.79
N ALA A 38 -16.98 36.00 -21.97
CA ALA A 38 -16.70 35.27 -23.20
C ALA A 38 -15.22 34.93 -23.30
N ALA A 39 -14.36 35.85 -22.87
CA ALA A 39 -12.94 35.55 -22.90
C ALA A 39 -12.60 34.47 -21.88
N THR A 40 -13.15 34.57 -20.68
CA THR A 40 -12.90 33.54 -19.70
C THR A 40 -13.41 32.18 -20.15
N VAL A 41 -14.49 32.14 -20.94
CA VAL A 41 -14.99 30.86 -21.44
C VAL A 41 -14.01 30.25 -22.44
N LYS A 42 -13.44 31.07 -23.33
CA LYS A 42 -12.45 30.52 -24.27
C LYS A 42 -11.23 30.02 -23.54
N PHE A 43 -10.77 30.75 -22.51
CA PHE A 43 -9.61 30.27 -21.76
C PHE A 43 -9.93 28.97 -21.07
N ARG A 44 -11.18 28.80 -20.65
CA ARG A 44 -11.57 27.58 -19.99
C ARG A 44 -11.65 26.43 -20.98
N GLN A 45 -12.18 26.70 -22.17
CA GLN A 45 -12.33 25.66 -23.19
C GLN A 45 -10.97 25.16 -23.67
N ILE A 46 -10.01 26.06 -23.92
CA ILE A 46 -8.71 25.55 -24.37
C ILE A 46 -8.03 24.77 -23.25
N LEU A 47 -8.26 25.16 -21.99
CA LEU A 47 -7.65 24.47 -20.87
C LEU A 47 -8.40 23.20 -20.47
N SER A 48 -9.62 22.98 -20.99
CA SER A 48 -10.37 21.74 -20.81
C SER A 48 -10.07 20.72 -21.89
N ARG A 49 -9.20 21.05 -22.83
CA ARG A 49 -8.74 20.12 -23.86
C ARG A 49 -8.32 18.79 -23.24
N GLU A 50 -8.90 17.71 -23.78
CA GLU A 50 -8.72 16.39 -23.18
C GLU A 50 -7.28 15.92 -23.25
N HIS A 51 -6.53 16.34 -24.27
CA HIS A 51 -5.13 15.98 -24.42
C HIS A 51 -4.32 17.24 -24.63
N ASN A 52 -3.20 17.36 -23.92
CA ASN A 52 -2.27 18.47 -24.05
C ASN A 52 -2.90 19.86 -23.91
N PRO A 53 -3.45 20.20 -22.74
CA PRO A 53 -3.88 21.58 -22.51
C PRO A 53 -2.70 22.53 -22.56
N PRO A 54 -2.84 23.64 -23.27
CA PRO A 54 -1.74 24.60 -23.36
C PRO A 54 -1.59 25.42 -22.09
N ILE A 55 -1.22 24.76 -21.00
CA ILE A 55 -1.19 25.43 -19.70
C ILE A 55 -0.13 26.52 -19.68
N ASP A 56 1.08 26.20 -20.14
CA ASP A 56 2.21 27.13 -20.02
C ASP A 56 2.01 28.34 -20.91
N ILE A 57 1.37 28.16 -22.07
CA ILE A 57 1.09 29.29 -22.94
C ILE A 57 0.12 30.24 -22.27
N VAL A 58 -0.87 29.69 -21.56
CA VAL A 58 -1.84 30.52 -20.86
C VAL A 58 -1.18 31.23 -19.69
N ILE A 59 -0.23 30.55 -19.02
CA ILE A 59 0.45 31.16 -17.88
C ILE A 59 1.27 32.37 -18.32
N GLN A 60 2.12 32.16 -19.34
CA GLN A 60 2.99 33.27 -19.70
C GLN A 60 2.24 34.40 -20.38
N SER A 61 0.96 34.22 -20.72
CA SER A 61 0.17 35.32 -21.26
C SER A 61 -0.20 36.35 -20.20
N GLY A 62 -0.02 36.03 -18.91
CA GLY A 62 -0.20 36.98 -17.83
C GLY A 62 -1.59 37.05 -17.23
N VAL A 63 -2.48 36.09 -17.52
CA VAL A 63 -3.90 36.22 -17.20
C VAL A 63 -4.31 35.50 -15.93
N VAL A 64 -3.41 34.81 -15.26
CA VAL A 64 -3.78 34.04 -14.08
C VAL A 64 -4.21 34.98 -12.95
N PRO A 65 -3.53 36.13 -12.71
CA PRO A 65 -4.08 37.10 -11.73
C PRO A 65 -5.48 37.60 -12.05
N THR A 66 -5.77 37.87 -13.33
CA THR A 66 -7.11 38.27 -13.73
C THR A 66 -8.12 37.19 -13.38
N LEU A 67 -7.85 35.94 -13.79
CA LEU A 67 -8.80 34.87 -13.50
C LEU A 67 -9.00 34.68 -12.01
N VAL A 68 -7.98 34.93 -11.19
CA VAL A 68 -8.15 34.77 -9.75
C VAL A 68 -9.04 35.87 -9.20
N ASN A 69 -8.88 37.10 -9.70
CA ASN A 69 -9.77 38.20 -9.35
C ASN A 69 -11.21 37.92 -9.75
N PHE A 70 -11.43 37.22 -10.87
CA PHE A 70 -12.80 36.91 -11.28
C PHE A 70 -13.53 36.00 -10.30
N MET A 71 -12.83 35.41 -9.33
CA MET A 71 -13.45 34.61 -8.28
C MET A 71 -13.89 35.45 -7.08
N ASN A 72 -13.79 36.77 -7.16
CA ASN A 72 -14.09 37.63 -6.02
C ASN A 72 -15.55 37.53 -5.59
N GLU A 73 -15.76 37.81 -4.31
CA GLU A 73 -17.06 38.10 -3.71
C GLU A 73 -18.02 38.79 -4.67
N ASN A 74 -17.61 39.94 -5.19
CA ASN A 74 -18.54 40.78 -5.93
C ASN A 74 -18.85 40.25 -7.33
N GLN A 75 -18.16 39.24 -7.80
CA GLN A 75 -18.26 38.93 -9.22
C GLN A 75 -19.46 38.02 -9.49
N PRO A 76 -20.03 38.09 -10.68
CA PRO A 76 -21.15 37.19 -11.01
C PRO A 76 -20.73 35.73 -10.97
N GLU A 77 -21.69 34.88 -10.59
CA GLU A 77 -21.38 33.47 -10.37
C GLU A 77 -20.94 32.79 -11.65
N MET A 78 -21.59 33.11 -12.77
CA MET A 78 -21.16 32.59 -14.05
C MET A 78 -19.65 32.82 -14.25
N LEU A 79 -19.17 34.02 -13.92
CA LEU A 79 -17.74 34.34 -14.08
C LEU A 79 -16.87 33.60 -13.07
N GLN A 80 -17.31 33.49 -11.81
CA GLN A 80 -16.51 32.81 -10.81
C GLN A 80 -16.30 31.35 -11.19
N LEU A 81 -17.31 30.76 -11.82
CA LEU A 81 -17.28 29.34 -12.15
C LEU A 81 -16.35 29.06 -13.33
N GLU A 82 -16.49 29.83 -14.41
CA GLU A 82 -15.60 29.71 -15.54
C GLU A 82 -14.16 29.95 -15.15
N ALA A 83 -13.90 30.98 -14.33
CA ALA A 83 -12.53 31.26 -13.91
C ALA A 83 -12.00 30.16 -13.00
N ALA A 84 -12.81 29.70 -12.03
CA ALA A 84 -12.38 28.62 -11.16
C ALA A 84 -12.11 27.34 -11.95
N TRP A 85 -12.84 27.12 -13.04
CA TRP A 85 -12.65 25.89 -13.81
C TRP A 85 -11.36 25.98 -14.64
N ALA A 86 -11.08 27.15 -15.22
CA ALA A 86 -9.77 27.41 -15.81
C ALA A 86 -8.66 27.22 -14.79
N LEU A 87 -8.83 27.78 -13.59
CA LEU A 87 -7.76 27.71 -12.60
C LEU A 87 -7.60 26.27 -12.11
N THR A 88 -8.70 25.51 -12.02
CA THR A 88 -8.64 24.08 -11.70
C THR A 88 -7.70 23.34 -12.63
N ASN A 89 -7.74 23.67 -13.93
CA ASN A 89 -7.04 22.90 -14.93
C ASN A 89 -5.58 23.31 -15.04
N ILE A 90 -5.28 24.60 -14.87
CA ILE A 90 -3.88 25.01 -14.69
C ILE A 90 -3.29 24.29 -13.48
N ALA A 91 -4.06 24.16 -12.41
CA ALA A 91 -3.58 23.53 -11.20
C ALA A 91 -3.46 22.02 -11.35
N SER A 92 -4.06 21.43 -12.39
CA SER A 92 -3.89 19.99 -12.59
C SER A 92 -2.55 19.64 -13.25
N GLY A 93 -1.76 20.65 -13.66
CA GLY A 93 -0.54 20.41 -14.41
C GLY A 93 0.65 20.13 -13.52
N THR A 94 1.82 20.56 -13.97
CA THR A 94 3.00 20.29 -13.15
C THR A 94 3.01 21.21 -11.94
N SER A 95 3.93 20.90 -11.02
CA SER A 95 4.08 21.67 -9.79
C SER A 95 4.42 23.13 -10.09
N ALA A 96 5.22 23.38 -11.12
CA ALA A 96 5.55 24.77 -11.44
C ALA A 96 4.32 25.51 -11.96
N GLN A 97 3.47 24.82 -12.71
CA GLN A 97 2.23 25.43 -13.17
C GLN A 97 1.25 25.66 -12.01
N THR A 98 1.20 24.72 -11.06
CA THR A 98 0.37 24.90 -9.89
C THR A 98 0.83 26.07 -9.03
N GLN A 99 2.14 26.39 -9.05
CA GLN A 99 2.61 27.49 -8.22
C GLN A 99 2.07 28.84 -8.68
N VAL A 100 1.94 29.04 -10.00
CA VAL A 100 1.41 30.31 -10.49
C VAL A 100 0.01 30.56 -9.93
N VAL A 101 -0.73 29.49 -9.63
CA VAL A 101 -2.08 29.62 -9.11
C VAL A 101 -2.06 29.91 -7.61
N VAL A 102 -1.25 29.15 -6.85
CA VAL A 102 -1.20 29.41 -5.42
C VAL A 102 -0.54 30.74 -5.12
N ASP A 103 0.50 31.12 -5.86
CA ASP A 103 1.16 32.39 -5.60
C ASP A 103 0.31 33.61 -6.02
N ALA A 104 -0.75 33.42 -6.80
CA ALA A 104 -1.65 34.52 -7.14
C ALA A 104 -2.81 34.67 -6.17
N GLY A 105 -2.87 33.86 -5.11
CA GLY A 105 -3.88 34.00 -4.07
C GLY A 105 -5.10 33.12 -4.21
N ALA A 106 -5.14 32.21 -5.18
CA ALA A 106 -6.36 31.48 -5.51
C ALA A 106 -6.91 30.65 -4.34
N VAL A 107 -6.06 30.08 -3.50
CA VAL A 107 -6.54 29.06 -2.56
C VAL A 107 -7.55 29.65 -1.56
N PRO A 108 -7.28 30.77 -0.88
CA PRO A 108 -8.33 31.37 -0.02
C PRO A 108 -9.62 31.73 -0.75
N LEU A 109 -9.57 32.08 -2.05
CA LEU A 109 -10.81 32.34 -2.78
C LEU A 109 -11.54 31.05 -3.12
N PHE A 110 -10.81 29.98 -3.47
CA PHE A 110 -11.48 28.67 -3.58
C PHE A 110 -12.28 28.38 -2.30
N ILE A 111 -11.63 28.57 -1.16
CA ILE A 111 -12.25 28.25 0.13
C ILE A 111 -13.49 29.12 0.35
N GLN A 112 -13.40 30.42 0.02
CA GLN A 112 -14.56 31.30 0.02
C GLN A 112 -15.70 30.72 -0.82
N LEU A 113 -15.40 30.31 -2.04
CA LEU A 113 -16.46 29.77 -2.89
C LEU A 113 -17.16 28.57 -2.25
N LEU A 114 -16.50 27.85 -1.33
CA LEU A 114 -17.19 26.76 -0.63
C LEU A 114 -18.38 27.28 0.20
N TYR A 115 -18.27 28.50 0.73
CA TYR A 115 -19.36 29.07 1.53
C TYR A 115 -20.42 29.70 0.65
N THR A 116 -20.00 30.56 -0.26
CA THR A 116 -20.91 31.45 -0.96
C THR A 116 -21.36 30.92 -2.31
N GLY A 117 -20.59 30.04 -2.94
CA GLY A 117 -20.98 29.52 -4.22
C GLY A 117 -22.22 28.64 -4.14
N SER A 118 -22.77 28.35 -5.32
CA SER A 118 -23.88 27.40 -5.35
C SER A 118 -23.32 25.98 -5.37
N VAL A 119 -24.14 24.98 -5.70
CA VAL A 119 -23.65 23.60 -5.73
C VAL A 119 -22.60 23.44 -6.84
N GLU A 120 -22.78 24.12 -7.97
CA GLU A 120 -21.81 23.98 -9.05
C GLU A 120 -20.49 24.69 -8.72
N LEU A 121 -20.56 25.87 -8.11
CA LEU A 121 -19.36 26.56 -7.67
C LEU A 121 -18.65 25.79 -6.57
N GLN A 122 -19.41 25.19 -5.67
CA GLN A 122 -18.80 24.39 -4.61
C GLN A 122 -18.00 23.23 -5.22
N GLU A 123 -18.60 22.52 -6.18
CA GLU A 123 -17.96 21.45 -6.92
C GLU A 123 -16.63 21.88 -7.53
N GLN A 124 -16.63 23.03 -8.20
CA GLN A 124 -15.43 23.48 -8.90
C GLN A 124 -14.32 23.84 -7.92
N ALA A 125 -14.67 24.61 -6.87
CA ALA A 125 -13.64 25.06 -5.95
C ALA A 125 -13.10 23.90 -5.13
N ILE A 126 -13.94 22.92 -4.79
CA ILE A 126 -13.42 21.76 -4.08
C ILE A 126 -12.54 20.92 -5.02
N TRP A 127 -12.83 20.93 -6.31
CA TRP A 127 -12.01 20.20 -7.27
C TRP A 127 -10.64 20.87 -7.43
N ALA A 128 -10.64 22.18 -7.68
CA ALA A 128 -9.38 22.93 -7.74
C ALA A 128 -8.53 22.69 -6.49
N LEU A 129 -9.16 22.66 -5.31
CA LEU A 129 -8.39 22.47 -4.09
C LEU A 129 -7.80 21.09 -4.02
N GLY A 130 -8.49 20.08 -4.57
CA GLY A 130 -7.91 18.76 -4.70
C GLY A 130 -6.68 18.73 -5.59
N ASN A 131 -6.69 19.49 -6.68
CA ASN A 131 -5.51 19.55 -7.54
C ASN A 131 -4.35 20.21 -6.82
N VAL A 132 -4.63 21.31 -6.09
CA VAL A 132 -3.58 21.95 -5.31
C VAL A 132 -3.05 21.00 -4.24
N ALA A 133 -3.95 20.43 -3.44
CA ALA A 133 -3.51 19.53 -2.39
C ALA A 133 -2.79 18.32 -2.95
N GLY A 134 -3.23 17.81 -4.11
CA GLY A 134 -2.61 16.66 -4.68
C GLY A 134 -1.17 16.89 -5.10
N ASP A 135 -0.76 18.14 -5.24
CA ASP A 135 0.50 18.44 -5.89
C ASP A 135 1.70 18.05 -5.04
N SER A 136 1.64 18.32 -3.74
CA SER A 136 2.82 18.24 -2.89
C SER A 136 2.36 18.32 -1.46
N THR A 137 3.24 17.90 -0.53
CA THR A 137 2.98 18.07 0.89
C THR A 137 2.90 19.54 1.25
N SER A 138 3.74 20.33 0.58
CA SER A 138 3.82 21.77 0.80
C SER A 138 2.49 22.44 0.51
N TYR A 139 1.88 22.08 -0.64
CA TYR A 139 0.62 22.71 -1.01
C TYR A 139 -0.54 22.09 -0.24
N ARG A 140 -0.48 20.78 0.02
CA ARG A 140 -1.49 20.13 0.82
C ARG A 140 -1.61 20.80 2.18
N ASP A 141 -0.47 21.06 2.83
CA ASP A 141 -0.47 21.69 4.14
C ASP A 141 -0.95 23.13 4.07
N TYR A 142 -0.53 23.88 3.04
CA TYR A 142 -0.98 25.26 2.88
C TYR A 142 -2.49 25.33 2.77
N VAL A 143 -3.09 24.42 1.99
CA VAL A 143 -4.54 24.32 1.89
C VAL A 143 -5.15 24.04 3.27
N LEU A 144 -4.54 23.13 4.03
CA LEU A 144 -5.02 22.88 5.38
C LEU A 144 -4.78 24.10 6.28
N GLN A 145 -3.71 24.85 6.02
CA GLN A 145 -3.33 26.00 6.83
C GLN A 145 -4.24 27.19 6.62
N CYS A 146 -5.01 27.21 5.53
CA CYS A 146 -5.99 28.28 5.35
C CYS A 146 -7.40 27.86 5.71
N SER A 147 -7.52 26.82 6.55
CA SER A 147 -8.76 26.39 7.20
C SER A 147 -9.76 25.85 6.19
N ALA A 148 -9.28 25.07 5.22
CA ALA A 148 -10.22 24.45 4.28
C ALA A 148 -11.00 23.30 4.91
N MET A 149 -10.50 22.68 5.98
CA MET A 149 -11.08 21.42 6.44
C MET A 149 -12.55 21.56 6.83
N GLU A 150 -12.86 22.52 7.69
CA GLU A 150 -14.24 22.59 8.17
C GLU A 150 -15.22 22.94 7.05
N PRO A 151 -14.99 23.93 6.18
CA PRO A 151 -15.93 24.12 5.05
C PRO A 151 -16.02 22.91 4.13
N ILE A 152 -14.96 22.12 4.00
CA ILE A 152 -15.06 20.93 3.16
C ILE A 152 -15.98 19.89 3.79
N LEU A 153 -15.79 19.64 5.09
CA LEU A 153 -16.61 18.64 5.78
C LEU A 153 -18.10 18.96 5.64
N SER A 154 -18.49 20.23 5.86
CA SER A 154 -19.91 20.59 5.81
C SER A 154 -20.50 20.46 4.41
N LEU A 155 -19.67 20.27 3.38
CA LEU A 155 -20.23 19.95 2.06
C LEU A 155 -20.88 18.57 2.04
N PHE A 156 -20.59 17.71 3.02
CA PHE A 156 -21.08 16.33 2.96
C PHE A 156 -22.50 16.19 3.48
N ASN A 157 -23.08 17.28 4.00
CA ASN A 157 -24.51 17.32 4.21
C ASN A 157 -25.26 17.72 2.93
N SER A 158 -24.53 17.96 1.85
CA SER A 158 -25.13 17.92 0.51
C SER A 158 -25.71 16.54 0.25
N GLU A 159 -26.51 16.45 -0.80
CA GLU A 159 -26.75 15.13 -1.34
C GLU A 159 -26.56 15.06 -2.84
N LYS A 160 -26.08 16.12 -3.48
CA LYS A 160 -25.56 15.96 -4.83
C LYS A 160 -24.45 14.90 -4.83
N VAL A 161 -24.58 13.90 -5.71
CA VAL A 161 -23.61 12.82 -5.71
C VAL A 161 -22.28 13.29 -6.28
N THR A 162 -22.28 14.06 -7.36
CA THR A 162 -21.02 14.53 -7.94
C THR A 162 -20.27 15.47 -7.01
N LEU A 163 -20.97 16.21 -6.14
CA LEU A 163 -20.27 17.05 -5.18
C LEU A 163 -19.58 16.20 -4.11
N ILE A 164 -20.25 15.16 -3.62
CA ILE A 164 -19.67 14.33 -2.57
C ILE A 164 -18.54 13.48 -3.13
N ARG A 165 -18.78 12.90 -4.30
CA ARG A 165 -17.74 12.24 -5.07
C ARG A 165 -16.50 13.12 -5.21
N THR A 166 -16.66 14.42 -5.48
CA THR A 166 -15.49 15.26 -5.74
C THR A 166 -14.79 15.66 -4.45
N ALA A 167 -15.56 16.04 -3.42
CA ALA A 167 -14.94 16.35 -2.15
C ALA A 167 -14.34 15.12 -1.48
N THR A 168 -14.83 13.91 -1.78
CA THR A 168 -14.19 12.73 -1.18
C THR A 168 -12.79 12.55 -1.72
N TRP A 169 -12.64 12.65 -3.04
CA TRP A 169 -11.33 12.66 -3.69
C TRP A 169 -10.42 13.75 -3.12
N THR A 170 -10.96 14.97 -2.94
CA THR A 170 -10.14 16.05 -2.40
C THR A 170 -9.68 15.73 -0.99
N LEU A 171 -10.61 15.25 -0.16
CA LEU A 171 -10.34 14.80 1.19
C LEU A 171 -9.18 13.80 1.22
N SER A 172 -9.13 12.88 0.26
CA SER A 172 -8.06 11.88 0.26
C SER A 172 -6.70 12.52 -0.05
N ASN A 173 -6.66 13.56 -0.90
CA ASN A 173 -5.40 14.25 -1.13
C ASN A 173 -4.94 15.00 0.10
N LEU A 174 -5.88 15.48 0.94
CA LEU A 174 -5.52 16.18 2.17
C LEU A 174 -4.96 15.25 3.22
N CYS A 175 -5.49 14.03 3.31
CA CYS A 175 -4.89 13.04 4.19
C CYS A 175 -3.63 12.40 3.63
N ARG A 176 -3.40 12.49 2.34
CA ARG A 176 -2.33 11.73 1.70
C ARG A 176 -0.96 12.35 1.98
N GLY A 177 0.08 11.55 2.03
CA GLY A 177 1.40 12.06 2.28
C GLY A 177 2.06 11.63 3.56
N LYS A 178 3.30 11.28 3.51
CA LYS A 178 3.96 10.80 4.68
C LYS A 178 5.21 11.53 5.07
N LYS A 179 5.75 12.40 4.24
CA LYS A 179 6.94 13.07 4.69
C LYS A 179 6.99 14.53 4.39
N PRO A 180 6.39 15.30 5.24
CA PRO A 180 5.75 14.96 6.49
C PRO A 180 4.33 14.61 6.29
N GLN A 181 3.77 14.14 7.35
CA GLN A 181 2.41 13.79 7.37
C GLN A 181 1.60 15.04 7.49
N PRO A 182 0.30 14.96 7.16
CA PRO A 182 -0.58 16.09 7.44
C PRO A 182 -0.71 16.31 8.93
N ASP A 183 -1.08 17.52 9.31
CA ASP A 183 -1.40 17.80 10.70
C ASP A 183 -2.54 16.90 11.16
N TRP A 184 -2.29 16.12 12.21
CA TRP A 184 -3.26 15.11 12.64
C TRP A 184 -4.48 15.73 13.31
N SER A 185 -4.32 16.89 13.95
CA SER A 185 -5.51 17.40 14.61
C SER A 185 -6.47 18.07 13.64
N ILE A 186 -6.10 18.18 12.36
CA ILE A 186 -7.00 18.69 11.33
C ILE A 186 -7.58 17.56 10.50
N VAL A 187 -6.73 16.61 10.06
CA VAL A 187 -7.28 15.57 9.18
C VAL A 187 -8.06 14.52 9.97
N SER A 188 -7.74 14.32 11.26
CA SER A 188 -8.55 13.40 12.05
C SER A 188 -10.01 13.84 12.09
N LYS A 189 -10.28 15.15 11.97
CA LYS A 189 -11.67 15.61 11.99
C LYS A 189 -12.51 14.92 10.92
N ALA A 190 -11.87 14.39 9.88
CA ALA A 190 -12.58 13.79 8.74
C ALA A 190 -13.07 12.38 9.03
N LEU A 191 -12.59 11.74 10.11
CA LEU A 191 -12.88 10.31 10.29
C LEU A 191 -14.36 10.00 10.52
N PRO A 192 -15.14 10.79 11.28
CA PRO A 192 -16.59 10.49 11.34
C PRO A 192 -17.27 10.55 9.99
N THR A 193 -16.83 11.44 9.09
CA THR A 193 -17.42 11.50 7.76
C THR A 193 -17.04 10.29 6.93
N LEU A 194 -15.75 9.91 6.94
CA LEU A 194 -15.31 8.80 6.10
C LEU A 194 -15.91 7.49 6.59
N ALA A 195 -16.13 7.36 7.91
CA ALA A 195 -16.82 6.17 8.44
C ALA A 195 -18.20 6.02 7.83
N LYS A 196 -18.89 7.13 7.56
CA LYS A 196 -20.17 7.04 6.86
C LYS A 196 -19.99 6.85 5.37
N LEU A 197 -18.88 7.34 4.79
CA LEU A 197 -18.70 7.33 3.34
C LEU A 197 -18.34 5.95 2.80
N ILE A 198 -17.78 5.06 3.61
CA ILE A 198 -17.63 3.69 3.17
C ILE A 198 -18.92 2.89 3.18
N TYR A 199 -20.05 3.49 3.58
CA TYR A 199 -21.35 2.88 3.35
C TYR A 199 -22.07 3.51 2.18
N SER A 200 -21.35 4.23 1.32
CA SER A 200 -22.02 4.79 0.18
C SER A 200 -22.26 3.72 -0.88
N PHE A 201 -23.25 3.97 -1.72
CA PHE A 201 -23.46 3.09 -2.86
C PHE A 201 -22.73 3.56 -4.11
N ASP A 202 -22.27 4.80 -4.14
CA ASP A 202 -21.47 5.30 -5.26
C ASP A 202 -20.08 4.66 -5.21
N ASN A 203 -19.72 3.92 -6.27
CA ASN A 203 -18.43 3.22 -6.27
C ASN A 203 -17.26 4.20 -6.24
N GLU A 204 -17.33 5.29 -6.99
CA GLU A 204 -16.21 6.23 -7.00
C GLU A 204 -16.05 6.92 -5.66
N THR A 205 -17.16 7.15 -4.93
CA THR A 205 -17.06 7.71 -3.60
C THR A 205 -16.44 6.70 -2.63
N LEU A 206 -16.90 5.45 -2.71
CA LEU A 206 -16.27 4.36 -1.97
C LEU A 206 -14.77 4.37 -2.16
N ILE A 207 -14.33 4.38 -3.42
CA ILE A 207 -12.92 4.18 -3.71
C ILE A 207 -12.08 5.24 -3.00
N ASP A 208 -12.47 6.51 -3.17
CA ASP A 208 -11.69 7.58 -2.56
C ASP A 208 -11.82 7.60 -1.06
N ALA A 209 -12.97 7.16 -0.53
CA ALA A 209 -13.10 7.10 0.91
C ALA A 209 -12.11 6.10 1.47
N CYS A 210 -12.02 4.93 0.82
CA CYS A 210 -11.09 3.90 1.24
C CYS A 210 -9.65 4.40 1.15
N TRP A 211 -9.29 5.01 0.01
CA TRP A 211 -7.92 5.53 -0.10
C TRP A 211 -7.61 6.51 1.03
N ALA A 212 -8.53 7.45 1.31
CA ALA A 212 -8.31 8.42 2.38
C ALA A 212 -8.08 7.74 3.72
N ILE A 213 -8.85 6.69 4.01
CA ILE A 213 -8.66 5.94 5.25
C ILE A 213 -7.35 5.16 5.23
N SER A 214 -6.91 4.69 4.05
CA SER A 214 -5.61 4.03 3.91
C SER A 214 -4.47 5.00 4.24
N TYR A 215 -4.67 6.28 3.91
CA TYR A 215 -3.64 7.27 4.24
C TYR A 215 -3.67 7.63 5.74
N LEU A 216 -4.86 7.81 6.32
CA LEU A 216 -4.95 8.20 7.72
C LEU A 216 -4.45 7.09 8.63
N SER A 217 -4.76 5.84 8.27
CA SER A 217 -4.27 4.70 9.05
C SER A 217 -2.79 4.42 8.83
N ASP A 218 -2.16 5.04 7.82
CA ASP A 218 -0.71 4.90 7.58
C ASP A 218 0.00 5.97 8.42
N GLY A 219 0.11 5.66 9.70
CA GLY A 219 0.59 6.57 10.71
C GLY A 219 0.89 5.81 11.98
N PRO A 220 1.19 6.53 13.05
CA PRO A 220 1.55 5.87 14.32
C PRO A 220 0.36 5.20 15.00
N ALA A 221 0.59 4.66 16.20
CA ALA A 221 -0.45 3.93 16.92
C ALA A 221 -1.70 4.77 17.13
N GLU A 222 -1.51 6.04 17.48
CA GLU A 222 -2.63 6.92 17.76
C GLU A 222 -3.50 7.11 16.54
N ALA A 223 -2.92 7.08 15.34
CA ALA A 223 -3.76 7.12 14.14
C ALA A 223 -4.57 5.84 13.99
N ILE A 224 -3.94 4.69 14.24
CA ILE A 224 -4.64 3.43 14.05
C ILE A 224 -5.77 3.30 15.06
N GLN A 225 -5.50 3.69 16.31
CA GLN A 225 -6.54 3.65 17.34
C GLN A 225 -7.71 4.55 16.96
N ALA A 226 -7.43 5.75 16.44
CA ALA A 226 -8.51 6.67 16.05
C ALA A 226 -9.40 6.05 14.99
N VAL A 227 -8.83 5.24 14.09
CA VAL A 227 -9.61 4.56 13.06
C VAL A 227 -10.44 3.44 13.68
N ILE A 228 -9.90 2.75 14.67
CA ILE A 228 -10.68 1.70 15.32
C ILE A 228 -11.83 2.30 16.12
N ASP A 229 -11.55 3.37 16.86
CA ASP A 229 -12.56 4.07 17.62
C ASP A 229 -13.71 4.56 16.74
N ALA A 230 -13.44 5.00 15.50
CA ALA A 230 -14.51 5.44 14.61
C ALA A 230 -15.31 4.27 14.02
N ARG A 231 -15.07 3.03 14.45
CA ARG A 231 -15.84 1.86 14.00
C ARG A 231 -15.75 1.66 12.50
N ILE A 232 -14.61 2.03 11.94
CA ILE A 232 -14.28 1.87 10.53
C ILE A 232 -13.86 0.44 10.18
N PRO A 233 -13.13 -0.29 11.05
CA PRO A 233 -12.58 -1.60 10.63
C PRO A 233 -13.58 -2.64 10.13
N LYS A 234 -14.73 -2.82 10.80
CA LYS A 234 -15.66 -3.86 10.39
C LYS A 234 -16.15 -3.65 8.95
N ARG A 235 -16.43 -2.41 8.56
CA ARG A 235 -16.80 -2.15 7.18
C ARG A 235 -15.61 -2.29 6.21
N LEU A 236 -14.39 -1.96 6.64
CA LEU A 236 -13.24 -2.23 5.77
C LEU A 236 -13.10 -3.72 5.48
N VAL A 237 -13.25 -4.57 6.50
CA VAL A 237 -13.17 -6.02 6.27
C VAL A 237 -14.30 -6.47 5.35
N GLU A 238 -15.49 -5.89 5.48
CA GLU A 238 -16.58 -6.28 4.59
C GLU A 238 -16.26 -5.94 3.14
N LEU A 239 -15.64 -4.78 2.91
CA LEU A 239 -15.30 -4.37 1.56
C LEU A 239 -14.17 -5.19 0.93
N LEU A 240 -13.48 -6.02 1.73
CA LEU A 240 -12.51 -6.95 1.16
C LEU A 240 -13.18 -7.91 0.20
N SER A 241 -14.50 -8.13 0.37
CA SER A 241 -15.28 -8.96 -0.54
C SER A 241 -16.09 -8.12 -1.53
N HIS A 242 -15.75 -6.85 -1.72
CA HIS A 242 -16.41 -6.09 -2.78
C HIS A 242 -16.04 -6.70 -4.12
N GLN A 243 -16.94 -6.56 -5.11
CA GLN A 243 -16.67 -7.29 -6.33
C GLN A 243 -15.65 -6.61 -7.22
N SER A 244 -15.27 -5.37 -6.93
CA SER A 244 -14.27 -4.67 -7.73
C SER A 244 -12.96 -4.54 -6.96
N THR A 245 -11.85 -4.79 -7.67
CA THR A 245 -10.52 -4.64 -7.12
C THR A 245 -10.18 -3.20 -6.81
N LEU A 246 -10.87 -2.26 -7.44
CA LEU A 246 -10.61 -0.87 -7.14
C LEU A 246 -11.07 -0.51 -5.73
N VAL A 247 -11.99 -1.27 -5.17
CA VAL A 247 -12.34 -1.10 -3.76
C VAL A 247 -11.50 -2.01 -2.88
N GLN A 248 -11.29 -3.25 -3.34
CA GLN A 248 -10.45 -4.21 -2.63
C GLN A 248 -9.10 -3.61 -2.24
N THR A 249 -8.47 -2.88 -3.17
CA THR A 249 -7.08 -2.49 -2.98
C THR A 249 -6.92 -1.47 -1.87
N PRO A 250 -7.57 -0.30 -1.91
CA PRO A 250 -7.39 0.63 -0.79
C PRO A 250 -7.91 0.06 0.51
N ALA A 251 -8.94 -0.79 0.49
CA ALA A 251 -9.41 -1.38 1.74
C ALA A 251 -8.39 -2.36 2.30
N LEU A 252 -7.83 -3.24 1.46
CA LEU A 252 -6.79 -4.15 1.94
C LEU A 252 -5.61 -3.39 2.53
N ARG A 253 -5.16 -2.33 1.84
CA ARG A 253 -4.07 -1.47 2.33
C ARG A 253 -4.38 -0.89 3.72
N ALA A 254 -5.62 -0.46 3.95
CA ALA A 254 -5.95 0.15 5.25
C ALA A 254 -5.95 -0.89 6.35
N VAL A 255 -6.47 -2.09 6.03
CA VAL A 255 -6.45 -3.20 6.98
C VAL A 255 -5.02 -3.63 7.25
N GLY A 256 -4.18 -3.69 6.20
CA GLY A 256 -2.78 -3.97 6.43
C GLY A 256 -2.12 -2.98 7.36
N ASN A 257 -2.45 -1.70 7.21
CA ASN A 257 -1.91 -0.69 8.13
C ASN A 257 -2.34 -0.94 9.56
N ILE A 258 -3.58 -1.36 9.76
CA ILE A 258 -4.05 -1.58 11.13
C ILE A 258 -3.23 -2.68 11.79
N VAL A 259 -2.93 -3.76 11.05
CA VAL A 259 -2.21 -4.85 11.69
C VAL A 259 -0.71 -4.59 11.79
N THR A 260 -0.21 -3.43 11.34
CA THR A 260 1.09 -3.00 11.86
C THR A 260 1.00 -2.51 13.30
N GLY A 261 -0.19 -2.45 13.90
CA GLY A 261 -0.31 -2.05 15.28
C GLY A 261 0.10 -3.15 16.24
N ASN A 262 -0.35 -3.02 17.49
CA ASN A 262 -0.05 -4.03 18.49
C ASN A 262 -1.09 -5.14 18.42
N ASP A 263 -1.10 -6.02 19.41
CA ASP A 263 -2.02 -7.16 19.37
C ASP A 263 -3.46 -6.74 19.55
N LEU A 264 -3.72 -5.64 20.25
CA LEU A 264 -5.10 -5.20 20.40
C LEU A 264 -5.65 -4.69 19.07
N HIS A 265 -4.85 -3.90 18.34
CA HIS A 265 -5.25 -3.45 17.02
C HIS A 265 -5.53 -4.64 16.11
N THR A 266 -4.65 -5.63 16.11
CA THR A 266 -4.77 -6.79 15.23
C THR A 266 -6.01 -7.60 15.57
N GLN A 267 -6.29 -7.79 16.86
CA GLN A 267 -7.43 -8.60 17.25
C GLN A 267 -8.76 -7.99 16.78
N VAL A 268 -8.81 -6.66 16.60
CA VAL A 268 -10.05 -6.06 16.13
C VAL A 268 -10.41 -6.58 14.74
N VAL A 269 -9.46 -6.55 13.81
CA VAL A 269 -9.76 -7.00 12.44
C VAL A 269 -9.96 -8.51 12.41
N ILE A 270 -9.31 -9.25 13.30
CA ILE A 270 -9.58 -10.69 13.37
C ILE A 270 -11.02 -10.94 13.83
N ASN A 271 -11.50 -10.20 14.84
CA ASN A 271 -12.86 -10.46 15.32
C ASN A 271 -13.88 -10.07 14.26
N CYS A 272 -13.53 -9.13 13.36
CA CYS A 272 -14.54 -8.85 12.36
C CYS A 272 -14.45 -9.75 11.13
N GLY A 273 -13.71 -10.84 11.21
CA GLY A 273 -13.67 -11.82 10.13
C GLY A 273 -12.64 -11.58 9.02
N VAL A 274 -11.51 -10.92 9.31
CA VAL A 274 -10.57 -10.62 8.23
C VAL A 274 -9.84 -11.88 7.71
N LEU A 275 -9.67 -12.92 8.55
CA LEU A 275 -8.95 -14.11 8.08
C LEU A 275 -9.70 -14.81 6.94
N SER A 276 -11.03 -14.88 7.02
CA SER A 276 -11.79 -15.47 5.93
C SER A 276 -11.62 -14.66 4.65
N ALA A 277 -11.63 -13.33 4.78
CA ALA A 277 -11.45 -12.45 3.63
C ALA A 277 -10.07 -12.62 3.01
N LEU A 278 -9.01 -12.62 3.83
CA LEU A 278 -7.65 -12.81 3.31
C LEU A 278 -7.54 -14.12 2.54
N ARG A 279 -8.10 -15.20 3.09
CA ARG A 279 -8.10 -16.50 2.42
C ARG A 279 -8.58 -16.38 0.99
N ASN A 280 -9.71 -15.71 0.81
CA ASN A 280 -10.27 -15.63 -0.54
C ASN A 280 -9.56 -14.58 -1.40
N LEU A 281 -8.73 -13.73 -0.81
CA LEU A 281 -7.94 -12.78 -1.60
C LEU A 281 -6.64 -13.41 -2.08
N LEU A 282 -6.22 -14.51 -1.43
CA LEU A 282 -5.08 -15.28 -1.91
C LEU A 282 -5.31 -15.82 -3.31
N SER A 283 -6.56 -15.98 -3.73
CA SER A 283 -6.89 -16.41 -5.08
C SER A 283 -7.32 -15.25 -5.97
N SER A 284 -7.01 -14.02 -5.60
CA SER A 284 -7.37 -12.89 -6.44
C SER A 284 -6.72 -13.03 -7.80
N PRO A 285 -7.44 -12.73 -8.89
CA PRO A 285 -6.82 -12.79 -10.21
C PRO A 285 -5.75 -11.74 -10.44
N LYS A 286 -5.61 -10.75 -9.54
CA LYS A 286 -4.66 -9.67 -9.73
C LYS A 286 -3.52 -9.79 -8.74
N GLU A 287 -2.28 -9.76 -9.26
CA GLU A 287 -1.13 -10.24 -8.51
C GLU A 287 -0.79 -9.34 -7.32
N SER A 288 -1.01 -8.02 -7.46
CA SER A 288 -0.76 -7.13 -6.33
C SER A 288 -1.73 -7.34 -5.17
N ILE A 289 -2.94 -7.85 -5.42
CA ILE A 289 -3.82 -8.21 -4.32
C ILE A 289 -3.26 -9.41 -3.55
N ARG A 290 -2.88 -10.47 -4.28
CA ARG A 290 -2.32 -11.65 -3.61
C ARG A 290 -1.09 -11.28 -2.79
N LYS A 291 -0.25 -10.42 -3.36
CA LYS A 291 0.94 -9.94 -2.67
C LYS A 291 0.58 -9.17 -1.40
N GLU A 292 -0.38 -8.25 -1.51
CA GLU A 292 -0.78 -7.47 -0.36
C GLU A 292 -1.44 -8.33 0.70
N ALA A 293 -2.20 -9.33 0.26
CA ALA A 293 -2.83 -10.23 1.22
C ALA A 293 -1.78 -10.99 2.03
N CYS A 294 -0.75 -11.54 1.35
CA CYS A 294 0.25 -12.28 2.12
C CYS A 294 0.97 -11.37 3.10
N TRP A 295 1.30 -10.15 2.68
CA TRP A 295 1.95 -9.20 3.57
C TRP A 295 1.11 -8.94 4.80
N THR A 296 -0.18 -8.64 4.60
CA THR A 296 -1.13 -8.52 5.70
C THR A 296 -1.05 -9.71 6.64
N ILE A 297 -1.18 -10.93 6.09
CA ILE A 297 -1.17 -12.12 6.93
C ILE A 297 0.12 -12.20 7.73
N SER A 298 1.26 -11.81 7.12
CA SER A 298 2.52 -11.88 7.84
C SER A 298 2.56 -10.93 9.03
N ASN A 299 1.85 -9.80 8.94
CA ASN A 299 1.72 -8.93 10.10
C ASN A 299 0.92 -9.59 11.21
N ILE A 300 -0.04 -10.45 10.84
CA ILE A 300 -0.82 -11.19 11.82
C ILE A 300 0.01 -12.34 12.42
N THR A 301 0.65 -13.14 11.57
CA THR A 301 1.46 -14.24 12.12
C THR A 301 2.65 -13.73 12.93
N ALA A 302 2.94 -12.44 12.89
CA ALA A 302 3.91 -11.83 13.80
C ALA A 302 3.32 -11.53 15.18
N GLY A 303 2.01 -11.71 15.40
CA GLY A 303 1.36 -11.48 16.68
C GLY A 303 1.36 -12.66 17.64
N ASN A 304 0.33 -12.72 18.50
CA ASN A 304 0.14 -13.74 19.55
C ASN A 304 0.10 -15.16 19.00
N THR A 305 0.36 -16.12 19.91
CA THR A 305 0.13 -17.52 19.59
C THR A 305 -1.33 -17.77 19.24
N GLU A 306 -2.25 -17.08 19.93
CA GLU A 306 -3.67 -17.15 19.59
C GLU A 306 -3.93 -16.63 18.18
N GLN A 307 -3.29 -15.52 17.83
CA GLN A 307 -3.48 -14.98 16.50
C GLN A 307 -2.79 -15.85 15.44
N ILE A 308 -1.67 -16.48 15.78
CA ILE A 308 -1.14 -17.53 14.91
C ILE A 308 -2.15 -18.68 14.85
N GLN A 309 -2.57 -19.19 16.00
CA GLN A 309 -3.58 -20.24 16.04
C GLN A 309 -4.81 -19.89 15.20
N ALA A 310 -5.18 -18.60 15.15
CA ALA A 310 -6.36 -18.26 14.37
C ALA A 310 -6.06 -18.31 12.88
N VAL A 311 -4.85 -17.94 12.50
CA VAL A 311 -4.43 -18.07 11.10
C VAL A 311 -4.50 -19.53 10.67
N VAL A 312 -3.97 -20.42 11.50
CA VAL A 312 -4.09 -21.85 11.27
C VAL A 312 -5.57 -22.27 11.23
N ASP A 313 -6.38 -21.80 12.20
CA ASP A 313 -7.77 -22.22 12.24
C ASP A 313 -8.51 -21.86 10.97
N ALA A 314 -8.12 -20.75 10.32
CA ALA A 314 -8.73 -20.25 9.09
C ALA A 314 -8.30 -21.01 7.85
N ASN A 315 -7.45 -22.04 7.99
CA ASN A 315 -6.90 -22.81 6.87
C ASN A 315 -6.14 -21.92 5.89
N LEU A 316 -5.30 -21.04 6.43
CA LEU A 316 -4.44 -20.20 5.61
C LEU A 316 -3.07 -20.81 5.39
N ILE A 317 -2.73 -21.87 6.11
CA ILE A 317 -1.44 -22.51 5.96
C ILE A 317 -1.34 -23.13 4.55
N PRO A 318 -2.25 -23.99 4.11
CA PRO A 318 -2.04 -24.66 2.81
C PRO A 318 -1.92 -23.66 1.66
N PRO A 319 -2.83 -22.68 1.53
CA PRO A 319 -2.65 -21.70 0.44
C PRO A 319 -1.35 -20.93 0.51
N LEU A 320 -0.85 -20.65 1.72
CA LEU A 320 0.42 -19.95 1.82
C LEU A 320 1.58 -20.80 1.32
N ILE A 321 1.51 -22.12 1.52
CA ILE A 321 2.54 -23.01 1.02
C ILE A 321 2.51 -23.09 -0.51
N LYS A 322 1.30 -23.22 -1.09
CA LYS A 322 1.16 -23.27 -2.54
C LYS A 322 1.85 -22.08 -3.22
N LEU A 323 1.55 -20.87 -2.74
CA LEU A 323 2.19 -19.67 -3.28
C LEU A 323 3.70 -19.70 -3.09
N LEU A 324 4.15 -20.04 -1.86
CA LEU A 324 5.58 -20.08 -1.59
C LEU A 324 6.30 -21.01 -2.56
N GLU A 325 5.62 -22.06 -3.01
CA GLU A 325 6.11 -23.03 -3.98
C GLU A 325 6.05 -22.50 -5.42
N THR A 326 4.90 -22.01 -5.86
CA THR A 326 4.63 -21.83 -7.29
C THR A 326 4.29 -20.41 -7.70
N ALA A 327 4.43 -19.42 -6.83
CA ALA A 327 4.04 -18.07 -7.22
C ALA A 327 5.25 -17.27 -7.68
N GLU A 328 4.99 -16.11 -8.29
CA GLU A 328 6.07 -15.23 -8.68
C GLU A 328 6.86 -14.81 -7.45
N TYR A 329 8.14 -14.52 -7.66
CA TYR A 329 9.01 -14.20 -6.53
C TYR A 329 8.43 -13.10 -5.65
N LYS A 330 7.81 -12.09 -6.26
CA LYS A 330 7.16 -11.01 -5.51
C LYS A 330 6.25 -11.56 -4.41
N ILE A 331 5.45 -12.58 -4.74
CA ILE A 331 4.52 -13.17 -3.78
C ILE A 331 5.19 -14.21 -2.90
N LYS A 332 6.07 -15.04 -3.46
CA LYS A 332 6.81 -16.03 -2.68
C LYS A 332 7.47 -15.38 -1.47
N LYS A 333 8.09 -14.21 -1.68
CA LYS A 333 8.78 -13.53 -0.58
C LYS A 333 7.78 -13.08 0.49
N GLU A 334 6.56 -12.78 0.11
CA GLU A 334 5.59 -12.46 1.14
C GLU A 334 5.08 -13.71 1.83
N ALA A 335 4.85 -14.77 1.06
CA ALA A 335 4.39 -16.02 1.69
C ALA A 335 5.43 -16.53 2.69
N CYS A 336 6.73 -16.34 2.36
CA CYS A 336 7.78 -16.77 3.27
C CYS A 336 7.80 -15.95 4.54
N TRP A 337 7.65 -14.64 4.46
CA TRP A 337 7.53 -13.82 5.67
C TRP A 337 6.39 -14.31 6.56
N ALA A 338 5.23 -14.65 5.96
CA ALA A 338 4.09 -15.13 6.74
C ALA A 338 4.42 -16.43 7.45
N ILE A 339 5.05 -17.39 6.75
CA ILE A 339 5.34 -18.67 7.36
C ILE A 339 6.46 -18.53 8.38
N SER A 340 7.43 -17.65 8.09
CA SER A 340 8.56 -17.49 9.01
C SER A 340 8.14 -16.80 10.31
N ASN A 341 7.26 -15.79 10.23
CA ASN A 341 6.73 -15.19 11.45
C ASN A 341 5.95 -16.21 12.27
N ALA A 342 5.08 -16.98 11.60
CA ALA A 342 4.37 -18.07 12.25
C ALA A 342 5.33 -19.06 12.92
N SER A 343 6.44 -19.39 12.25
CA SER A 343 7.43 -20.29 12.82
C SER A 343 8.00 -19.72 14.12
N SER A 344 8.24 -18.41 14.12
CA SER A 344 8.87 -17.77 15.28
C SER A 344 7.96 -17.82 16.51
N GLY A 345 6.80 -17.19 16.45
CA GLY A 345 5.90 -17.25 17.58
C GLY A 345 5.37 -18.65 17.84
N GLY A 346 5.37 -19.50 16.81
CA GLY A 346 4.92 -20.87 16.96
C GLY A 346 5.78 -21.71 17.91
N LEU A 347 6.94 -21.20 18.30
CA LEU A 347 7.79 -21.94 19.24
C LEU A 347 7.08 -22.19 20.56
N GLN A 348 6.30 -21.21 21.05
CA GLN A 348 5.62 -21.35 22.33
C GLN A 348 4.45 -22.31 22.29
N ARG A 349 3.92 -22.63 21.11
CA ARG A 349 2.98 -23.74 20.95
C ARG A 349 3.44 -24.60 19.78
N PRO A 350 4.36 -25.53 20.04
CA PRO A 350 4.93 -26.36 18.98
C PRO A 350 3.94 -26.97 18.00
N GLU A 351 2.73 -27.33 18.44
CA GLU A 351 1.81 -28.00 17.53
C GLU A 351 1.56 -27.16 16.29
N ILE A 352 1.67 -25.83 16.39
CA ILE A 352 1.56 -25.00 15.19
C ILE A 352 2.65 -25.40 14.22
N ILE A 353 3.89 -25.50 14.68
CA ILE A 353 4.98 -25.87 13.80
C ILE A 353 4.78 -27.31 13.28
N ARG A 354 4.22 -28.21 14.09
CA ARG A 354 4.04 -29.58 13.61
C ARG A 354 3.03 -29.64 12.47
N TYR A 355 1.90 -28.93 12.63
CA TYR A 355 0.92 -28.85 11.55
C TYR A 355 1.51 -28.21 10.29
N MET A 356 2.35 -27.20 10.46
CA MET A 356 2.96 -26.52 9.31
C MET A 356 3.88 -27.46 8.55
N VAL A 357 4.72 -28.20 9.29
CA VAL A 357 5.61 -29.20 8.70
C VAL A 357 4.80 -30.33 8.07
N SER A 358 3.69 -30.71 8.72
CA SER A 358 2.68 -31.63 8.19
C SER A 358 2.29 -31.30 6.75
N GLN A 359 2.02 -30.01 6.52
CA GLN A 359 1.49 -29.56 5.24
C GLN A 359 2.55 -29.38 4.17
N GLY A 360 3.81 -29.64 4.48
CA GLY A 360 4.85 -29.60 3.46
C GLY A 360 5.54 -28.27 3.28
N CYS A 361 5.61 -27.44 4.33
CA CYS A 361 6.31 -26.18 4.23
C CYS A 361 7.82 -26.31 4.05
N ILE A 362 8.41 -27.47 4.37
CA ILE A 362 9.87 -27.56 4.48
C ILE A 362 10.55 -27.49 3.12
N LYS A 363 10.07 -28.24 2.13
CA LYS A 363 10.72 -28.20 0.82
C LYS A 363 10.57 -26.84 0.13
N PRO A 364 9.39 -26.21 0.08
CA PRO A 364 9.33 -24.87 -0.54
C PRO A 364 10.19 -23.83 0.17
N LEU A 365 10.37 -23.96 1.48
CA LEU A 365 11.29 -23.09 2.20
C LEU A 365 12.72 -23.27 1.68
N CYS A 366 13.21 -24.51 1.62
CA CYS A 366 14.57 -24.69 1.12
C CYS A 366 14.68 -24.36 -0.37
N ASP A 367 13.62 -24.58 -1.17
CA ASP A 367 13.73 -24.35 -2.60
C ASP A 367 14.07 -22.91 -2.93
N LEU A 368 13.64 -21.99 -2.08
CA LEU A 368 13.73 -20.55 -2.27
C LEU A 368 15.05 -19.98 -1.75
N LEU A 369 15.76 -20.71 -0.90
CA LEU A 369 17.10 -20.28 -0.48
C LEU A 369 18.02 -20.03 -1.67
N GLU A 370 17.75 -20.67 -2.81
CA GLU A 370 18.68 -20.56 -3.92
C GLU A 370 18.36 -19.42 -4.87
N ILE A 371 17.19 -18.81 -4.76
CA ILE A 371 16.79 -17.78 -5.71
C ILE A 371 16.42 -16.48 -5.02
N ALA A 372 16.64 -16.38 -3.71
CA ALA A 372 16.18 -15.22 -2.96
C ALA A 372 17.30 -14.19 -2.78
N ASP A 373 16.90 -12.93 -2.68
CA ASP A 373 17.84 -11.90 -2.23
C ASP A 373 18.23 -12.20 -0.79
N ASN A 374 19.20 -11.45 -0.27
CA ASN A 374 19.76 -11.83 1.03
C ASN A 374 18.84 -11.49 2.20
N ARG A 375 17.84 -10.64 2.02
CA ARG A 375 16.91 -10.39 3.11
C ARG A 375 15.97 -11.60 3.27
N ILE A 376 15.51 -12.15 2.15
CA ILE A 376 14.58 -13.26 2.19
C ILE A 376 15.30 -14.54 2.57
N ILE A 377 16.58 -14.66 2.19
CA ILE A 377 17.36 -15.82 2.62
C ILE A 377 17.42 -15.87 4.14
N GLU A 378 17.54 -14.71 4.78
CA GLU A 378 17.70 -14.72 6.23
C GLU A 378 16.38 -15.08 6.93
N VAL A 379 15.25 -14.56 6.45
CA VAL A 379 13.91 -14.89 6.93
C VAL A 379 13.63 -16.37 6.75
N THR A 380 14.10 -16.87 5.59
CA THR A 380 13.91 -18.27 5.23
C THR A 380 14.76 -19.17 6.12
N LEU A 381 16.06 -18.84 6.25
CA LEU A 381 16.91 -19.59 7.18
C LEU A 381 16.33 -19.54 8.57
N ASP A 382 15.86 -18.36 9.00
CA ASP A 382 15.28 -18.23 10.33
C ASP A 382 14.06 -19.11 10.51
N ALA A 383 13.23 -19.29 9.48
CA ALA A 383 12.08 -20.20 9.58
C ALA A 383 12.56 -21.64 9.77
N LEU A 384 13.47 -22.09 8.90
CA LEU A 384 14.04 -23.43 9.05
C LEU A 384 14.72 -23.58 10.40
N GLU A 385 15.39 -22.54 10.90
CA GLU A 385 16.02 -22.66 12.21
C GLU A 385 14.98 -22.92 13.30
N ASN A 386 13.87 -22.17 13.28
CA ASN A 386 12.79 -22.40 14.22
C ASN A 386 12.21 -23.80 14.08
N ILE A 387 12.08 -24.29 12.85
CA ILE A 387 11.58 -25.63 12.61
C ILE A 387 12.54 -26.65 13.23
N LEU A 388 13.85 -26.44 13.06
CA LEU A 388 14.85 -27.27 13.70
C LEU A 388 14.83 -27.11 15.22
N LYS A 389 14.55 -25.89 15.71
CA LYS A 389 14.49 -25.68 17.15
C LYS A 389 13.32 -26.45 17.76
N MET A 390 12.14 -26.34 17.14
CA MET A 390 10.99 -27.14 17.54
C MET A 390 11.32 -28.63 17.54
N GLY A 391 12.02 -29.09 16.48
CA GLY A 391 12.36 -30.50 16.41
C GLY A 391 13.21 -30.95 17.58
N GLU A 392 14.16 -30.12 18.00
CA GLU A 392 15.12 -30.50 19.02
C GLU A 392 14.51 -30.55 20.42
N THR A 393 13.62 -29.61 20.74
CA THR A 393 12.97 -29.71 22.05
C THR A 393 11.93 -30.83 22.07
N ASP A 394 11.25 -31.05 20.93
CA ASP A 394 10.43 -32.25 20.75
C ASP A 394 11.26 -33.52 20.87
N LYS A 395 12.50 -33.49 20.39
CA LYS A 395 13.34 -34.68 20.44
C LYS A 395 13.66 -35.05 21.88
N GLU A 396 14.16 -34.08 22.66
CA GLU A 396 14.48 -34.32 24.05
C GLU A 396 13.27 -34.77 24.85
N ALA A 397 12.09 -34.19 24.55
CA ALA A 397 10.89 -34.53 25.28
C ALA A 397 10.51 -36.00 25.11
N ARG A 398 10.68 -36.53 23.91
CA ARG A 398 10.19 -37.87 23.61
C ARG A 398 11.27 -38.92 23.72
N GLY A 399 12.51 -38.52 23.98
CA GLY A 399 13.65 -39.41 24.02
C GLY A 399 14.23 -39.79 22.68
N LEU A 400 13.83 -39.13 21.60
CA LEU A 400 14.22 -39.57 20.27
C LEU A 400 15.73 -39.52 20.08
N ALA A 401 16.23 -40.41 19.23
CA ALA A 401 17.63 -40.41 18.81
C ALA A 401 17.91 -39.37 17.74
N ILE A 402 16.90 -38.89 17.04
CA ILE A 402 17.03 -38.03 15.87
C ILE A 402 16.14 -36.81 16.04
N ASN A 403 16.59 -35.70 15.47
CA ASN A 403 15.72 -34.58 15.19
C ASN A 403 14.96 -34.90 13.89
N GLU A 404 13.65 -35.17 14.01
CA GLU A 404 12.86 -35.58 12.85
C GLU A 404 12.78 -34.49 11.81
N ASN A 405 12.93 -33.23 12.23
CA ASN A 405 12.85 -32.13 11.27
C ASN A 405 14.17 -31.96 10.55
N ALA A 406 15.29 -32.11 11.27
CA ALA A 406 16.59 -32.26 10.64
C ALA A 406 16.54 -33.32 9.55
N ASP A 407 15.90 -34.45 9.85
CA ASP A 407 15.83 -35.53 8.87
C ASP A 407 14.98 -35.12 7.68
N LEU A 408 13.86 -34.44 7.94
CA LEU A 408 13.00 -33.96 6.87
C LEU A 408 13.69 -32.90 6.01
N ILE A 409 14.60 -32.12 6.59
CA ILE A 409 15.28 -31.06 5.84
C ILE A 409 16.36 -31.65 4.95
N GLU A 410 17.02 -32.71 5.40
CA GLU A 410 17.94 -33.43 4.53
C GLU A 410 17.20 -34.16 3.41
N LYS A 411 16.13 -34.87 3.76
CA LYS A 411 15.42 -35.69 2.78
C LYS A 411 14.77 -34.88 1.68
N ALA A 412 14.67 -33.55 1.87
CA ALA A 412 14.08 -32.65 0.90
C ALA A 412 15.12 -31.93 0.07
N GLY A 413 16.39 -32.31 0.21
CA GLY A 413 17.50 -31.63 -0.42
C GLY A 413 17.90 -30.35 0.26
N GLY A 414 17.26 -30.00 1.36
CA GLY A 414 17.40 -28.67 1.89
C GLY A 414 18.64 -28.42 2.68
N MET A 415 19.38 -29.45 3.04
CA MET A 415 20.53 -29.23 3.90
C MET A 415 21.74 -28.72 3.13
N GLU A 416 22.00 -29.25 1.93
CA GLU A 416 23.10 -28.73 1.14
C GLU A 416 22.84 -27.28 0.73
N LYS A 417 21.58 -26.94 0.50
CA LYS A 417 21.23 -25.54 0.27
C LYS A 417 21.57 -24.68 1.47
N ILE A 418 21.21 -25.11 2.69
CA ILE A 418 21.66 -24.37 3.87
C ILE A 418 23.19 -24.34 3.91
N PHE A 419 23.81 -25.52 3.83
CA PHE A 419 25.27 -25.62 3.80
C PHE A 419 25.89 -24.66 2.77
N ASN A 420 25.32 -24.62 1.57
CA ASN A 420 25.90 -23.79 0.53
C ASN A 420 25.70 -22.29 0.78
N CYS A 421 24.68 -21.88 1.58
CA CYS A 421 24.62 -20.46 1.97
C CYS A 421 25.75 -20.07 2.91
N GLN A 422 26.63 -21.00 3.29
CA GLN A 422 27.84 -20.61 3.98
C GLN A 422 28.83 -19.92 3.06
N GLN A 423 28.63 -20.00 1.76
CA GLN A 423 29.48 -19.34 0.76
C GLN A 423 28.93 -17.97 0.40
N ASN A 424 28.36 -17.26 1.38
CA ASN A 424 27.68 -16.00 1.14
C ASN A 424 28.56 -14.84 1.56
N GLU A 425 28.72 -13.87 0.65
CA GLU A 425 29.42 -12.62 0.93
C GLU A 425 28.96 -11.99 2.24
N ASN A 426 27.68 -12.10 2.56
CA ASN A 426 27.12 -11.41 3.72
C ASN A 426 27.42 -12.18 5.00
N ASP A 427 28.10 -11.52 5.95
CA ASP A 427 28.49 -12.20 7.18
C ASP A 427 27.29 -12.67 7.99
N ARG A 428 26.19 -11.90 8.00
CA ARG A 428 25.03 -12.33 8.78
C ARG A 428 24.54 -13.70 8.33
N ILE A 429 24.33 -13.88 7.03
CA ILE A 429 23.92 -15.09 6.34
C ILE A 429 24.84 -16.25 6.68
N TYR A 430 26.10 -15.93 6.42
CA TYR A 430 27.13 -16.93 6.65
C TYR A 430 27.12 -17.40 8.10
N GLU A 431 27.17 -16.46 9.02
CA GLU A 431 27.19 -16.79 10.44
C GLU A 431 25.92 -17.53 10.83
N LYS A 432 24.78 -17.18 10.23
CA LYS A 432 23.55 -17.87 10.56
C LYS A 432 23.53 -19.27 9.97
N ALA A 433 23.84 -19.39 8.67
CA ALA A 433 23.85 -20.70 8.03
C ALA A 433 24.81 -21.65 8.76
N TYR A 434 25.99 -21.15 9.12
CA TYR A 434 26.94 -21.97 9.86
C TYR A 434 26.31 -22.55 11.13
N LYS A 435 25.64 -21.70 11.92
CA LYS A 435 25.15 -22.16 13.22
C LYS A 435 24.04 -23.20 13.06
N ILE A 436 23.26 -23.13 11.98
CA ILE A 436 22.29 -24.20 11.71
C ILE A 436 23.00 -25.53 11.44
N ILE A 437 24.00 -25.51 10.54
CA ILE A 437 24.73 -26.74 10.21
C ILE A 437 25.43 -27.28 11.46
N GLU A 438 26.21 -26.43 12.12
CA GLU A 438 26.96 -26.86 13.30
C GLU A 438 26.04 -27.48 14.35
N THR A 439 24.82 -26.99 14.45
CA THR A 439 23.94 -27.38 15.54
C THR A 439 23.06 -28.58 15.20
N TYR A 440 22.61 -28.69 13.96
CA TYR A 440 21.70 -29.78 13.65
C TYR A 440 22.18 -30.70 12.52
N PHE A 441 23.26 -30.36 11.84
CA PHE A 441 23.87 -31.23 10.83
C PHE A 441 25.38 -31.24 11.00
N GLY A 442 25.85 -31.48 12.24
CA GLY A 442 27.28 -31.35 12.52
C GLY A 442 28.18 -32.24 11.70
N GLU A 443 27.71 -33.44 11.33
CA GLU A 443 28.54 -34.34 10.53
C GLU A 443 28.98 -33.67 9.24
N GLU A 444 28.22 -32.71 8.74
CA GLU A 444 28.56 -32.01 7.51
C GLU A 444 29.81 -31.14 7.64
N LEU A 445 30.28 -30.85 8.85
CA LEU A 445 31.48 -30.03 9.03
C LEU A 445 32.70 -30.84 9.42
N VAL A 446 32.61 -32.16 9.43
CA VAL A 446 33.74 -33.02 9.79
C VAL A 446 34.42 -33.45 8.49
N PRO A 447 35.71 -33.14 8.30
CA PRO A 447 36.39 -33.55 7.07
C PRO A 447 36.49 -35.08 6.93
N ARG A 448 36.71 -35.49 5.69
CA ARG A 448 36.54 -36.87 5.28
C ARG A 448 37.64 -37.81 5.79
N GLY A 449 38.77 -37.32 6.28
CA GLY A 449 39.77 -38.29 6.71
C GLY A 449 40.67 -37.75 7.80
N SER A 450 41.97 -37.89 7.65
CA SER A 450 42.83 -37.18 8.60
C SER A 450 42.77 -35.69 8.29
N GLU A 451 42.74 -34.89 9.36
CA GLU A 451 42.59 -33.45 9.29
C GLU A 451 43.86 -32.70 9.69
N VAL A 452 45.02 -33.38 9.69
CA VAL A 452 46.24 -32.76 10.17
C VAL A 452 47.36 -32.90 9.16
N ASN A 453 47.04 -33.36 7.96
CA ASN A 453 48.05 -33.56 6.92
C ASN A 453 47.95 -32.58 5.76
N GLY A 454 47.06 -31.59 5.84
CA GLY A 454 46.93 -30.61 4.78
C GLY A 454 46.31 -31.09 3.50
N LYS A 455 45.69 -32.26 3.49
CA LYS A 455 45.02 -32.77 2.29
C LYS A 455 43.67 -32.07 2.15
N ARG A 456 42.83 -32.58 1.26
CA ARG A 456 41.58 -31.90 0.94
C ARG A 456 40.58 -32.00 2.10
N VAL A 457 39.79 -30.94 2.25
CA VAL A 457 38.72 -30.90 3.25
C VAL A 457 37.36 -30.88 2.57
N SER A 458 36.68 -32.03 2.53
CA SER A 458 35.37 -32.08 1.88
C SER A 458 34.36 -32.79 2.76
N LYS A 459 33.10 -32.43 2.60
CA LYS A 459 32.05 -32.84 3.52
C LYS A 459 31.70 -34.29 3.57
N THR A 460 32.72 -35.11 3.74
CA THR A 460 32.65 -36.55 3.77
C THR A 460 31.95 -36.87 2.48
N SER A 461 32.65 -36.51 1.43
CA SER A 461 32.27 -36.54 0.04
C SER A 461 30.93 -37.02 -0.39
N THR A 462 30.18 -36.09 -0.93
CA THR A 462 28.89 -36.25 -1.56
C THR A 462 28.30 -37.59 -2.07
N GLY A 463 29.12 -38.54 -2.50
CA GLY A 463 28.65 -39.80 -2.96
C GLY A 463 28.50 -40.77 -1.79
N LYS A 464 27.83 -40.34 -0.74
CA LYS A 464 27.51 -41.18 0.41
C LYS A 464 26.52 -42.25 0.04
N ARG A 465 26.53 -43.34 0.80
CA ARG A 465 25.56 -44.40 0.60
C ARG A 465 24.14 -43.94 0.92
N LYS A 466 23.18 -44.51 0.19
CA LYS A 466 21.79 -44.08 0.04
C LYS A 466 20.97 -44.29 1.32
N PHE A 467 20.61 -45.55 1.46
CA PHE A 467 19.70 -46.03 2.50
C PHE A 467 20.47 -46.91 3.47
N HIS A 468 20.01 -46.94 4.71
CA HIS A 468 20.77 -47.58 5.76
C HIS A 468 19.98 -48.61 6.55
N LYS A 469 18.71 -48.83 6.23
CA LYS A 469 17.83 -49.78 6.92
C LYS A 469 16.97 -50.45 5.87
N LYS A 470 17.06 -51.76 5.73
CA LYS A 470 16.21 -52.46 4.79
C LYS A 470 15.23 -53.36 5.53
N SER A 471 13.99 -53.39 5.04
CA SER A 471 13.02 -54.32 5.58
C SER A 471 13.16 -55.67 4.89
N LYS A 472 12.85 -56.73 5.64
CA LYS A 472 12.84 -58.08 5.11
C LYS A 472 11.50 -58.32 4.43
N THR A 473 11.51 -58.34 3.10
CA THR A 473 10.29 -58.50 2.33
C THR A 473 9.89 -59.97 2.23
N GLY A 474 10.86 -60.87 2.16
CA GLY A 474 10.63 -62.30 2.13
C GLY A 474 11.86 -63.08 2.57
#